data_5LEV
#
_entry.id   5LEV
#
_cell.length_a   103.250
_cell.length_b   103.250
_cell.length_c   239.150
_cell.angle_alpha   90.00
_cell.angle_beta   90.00
_cell.angle_gamma   120.00
#
_symmetry.space_group_name_H-M   'P 65 2 2'
#
loop_
_entity.id
_entity.type
_entity.pdbx_description
1 polymer 'UDP-N-acetylglucosamine--dolichyl-phosphate N-acetylglucosaminephosphotransferase'
2 non-polymer 'UNKNOWN LIGAND'
3 water water
#
_entity_poly.entity_id   1
_entity_poly.type   'polypeptide(L)'
_entity_poly.pdbx_seq_one_letter_code
;SMWAFSELPMPLLINLIVSLLGFVATVTLIPAFRGHFIAARLCGQDLNKTSRQQIPESQGVISGAVFLIILFCFIPFPFL
NCFVKEQCKAFPHHEFVALIGALLAICCMIFLGFADDVLNLRWRHKLLLPTAASLPLLMVYFTNFGNTTIVVPKPFRPIL
GLHLDLGILYYVYMGLLAVFCTNAINILAGINGLEAGQSLVISASIIVFNLVELEGDCRDDHVFSLYFMIPFFFTTLGLL
YHNWYPSRVFVGDTFCYFAGMTFAGVGILGHFSKTMLLFFMPQVFNFLYSLPQLLHIIPCPRHRIPRLNIKTGKLEMSYS
KFKTKSLSFLGTFILKVAESLQLVTVHQSETEDGEFTECNNMTLINLLLKVLGPIHERNLTLLLLLLQILGSAITFSIRY
QLVRLFYDV
;
_entity_poly.pdbx_strand_id   A
#
loop_
_chem_comp.id
_chem_comp.type
_chem_comp.name
_chem_comp.formula
UNL non-polymer 'UNKNOWN LIGAND' ?
#
# COMPACT_ATOMS: atom_id res chain seq x y z
N PRO A 9 -1.63 8.73 -29.39
CA PRO A 9 -1.15 7.89 -28.29
C PRO A 9 -0.15 6.83 -28.78
N MET A 10 0.77 7.25 -29.68
CA MET A 10 1.81 6.39 -30.25
C MET A 10 2.73 5.78 -29.15
N PRO A 11 3.27 6.56 -28.16
CA PRO A 11 4.09 5.90 -27.13
C PRO A 11 3.25 5.12 -26.11
N LEU A 12 1.95 5.49 -25.92
CA LEU A 12 1.04 4.79 -25.00
C LEU A 12 0.75 3.37 -25.49
N LEU A 13 0.72 3.18 -26.83
CA LEU A 13 0.50 1.86 -27.44
C LEU A 13 1.67 0.95 -27.08
N ILE A 14 2.91 1.42 -27.33
CA ILE A 14 4.16 0.72 -27.02
C ILE A 14 4.20 0.38 -25.52
N ASN A 15 3.78 1.33 -24.65
CA ASN A 15 3.74 1.18 -23.18
C ASN A 15 2.77 0.07 -22.78
N LEU A 16 1.61 -0.03 -23.46
CA LEU A 16 0.61 -1.07 -23.19
C LEU A 16 1.13 -2.46 -23.61
N ILE A 17 1.83 -2.55 -24.77
CA ILE A 17 2.41 -3.79 -25.30
C ILE A 17 3.46 -4.33 -24.32
N VAL A 18 4.47 -3.50 -23.93
CA VAL A 18 5.53 -3.90 -23.01
C VAL A 18 4.94 -4.29 -21.63
N SER A 19 3.86 -3.59 -21.18
CA SER A 19 3.17 -3.88 -19.92
C SER A 19 2.54 -5.28 -19.92
N LEU A 20 2.01 -5.71 -21.08
CA LEU A 20 1.40 -7.03 -21.22
C LEU A 20 2.49 -8.10 -21.28
N LEU A 21 3.65 -7.79 -21.92
CA LEU A 21 4.80 -8.71 -21.95
C LEU A 21 5.35 -8.85 -20.54
N GLY A 22 5.26 -7.77 -19.76
CA GLY A 22 5.67 -7.72 -18.37
C GLY A 22 4.75 -8.50 -17.46
N PHE A 23 3.45 -8.58 -17.82
CA PHE A 23 2.48 -9.37 -17.05
C PHE A 23 2.88 -10.84 -17.18
N VAL A 24 3.10 -11.30 -18.44
CA VAL A 24 3.54 -12.64 -18.81
C VAL A 24 4.89 -12.96 -18.12
N ALA A 25 5.84 -11.99 -18.14
CA ALA A 25 7.14 -12.15 -17.51
C ALA A 25 7.01 -12.40 -16.00
N THR A 26 6.17 -11.60 -15.29
CA THR A 26 5.96 -11.74 -13.83
C THR A 26 5.29 -13.11 -13.51
N VAL A 27 4.25 -13.49 -14.27
CA VAL A 27 3.52 -14.76 -14.14
C VAL A 27 4.52 -15.94 -14.30
N THR A 28 5.48 -15.83 -15.23
CA THR A 28 6.45 -16.88 -15.55
C THR A 28 7.65 -16.88 -14.59
N LEU A 29 8.23 -15.71 -14.26
CA LEU A 29 9.43 -15.65 -13.41
C LEU A 29 9.16 -15.97 -11.96
N ILE A 30 8.04 -15.51 -11.37
CA ILE A 30 7.74 -15.76 -9.95
C ILE A 30 7.89 -17.28 -9.63
N PRO A 31 7.23 -18.24 -10.34
CA PRO A 31 7.46 -19.67 -10.01
C PRO A 31 8.86 -20.16 -10.38
N ALA A 32 9.55 -19.49 -11.32
CA ALA A 32 10.89 -19.88 -11.74
C ALA A 32 11.92 -19.62 -10.65
N PHE A 33 11.74 -18.55 -9.86
CA PHE A 33 12.67 -18.18 -8.79
C PHE A 33 12.24 -18.73 -7.43
N ARG A 34 11.18 -19.58 -7.37
CA ARG A 34 10.68 -20.17 -6.12
C ARG A 34 11.81 -20.87 -5.35
N GLY A 35 12.57 -21.71 -6.05
CA GLY A 35 13.68 -22.47 -5.48
C GLY A 35 14.74 -21.62 -4.81
N HIS A 36 15.05 -20.45 -5.40
CA HIS A 36 16.05 -19.50 -4.93
C HIS A 36 15.67 -18.85 -3.61
N PHE A 37 14.40 -18.43 -3.45
CA PHE A 37 13.89 -17.80 -2.22
C PHE A 37 13.83 -18.80 -1.08
N ILE A 38 13.37 -20.04 -1.35
CA ILE A 38 13.27 -21.11 -0.35
C ILE A 38 14.67 -21.43 0.20
N ALA A 39 15.66 -21.63 -0.70
CA ALA A 39 17.04 -21.89 -0.34
C ALA A 39 17.64 -20.68 0.39
N ALA A 40 17.22 -19.46 0.00
CA ALA A 40 17.68 -18.20 0.61
C ALA A 40 17.06 -17.99 2.00
N ARG A 41 16.14 -18.86 2.43
CA ARG A 41 15.42 -18.78 3.70
C ARG A 41 14.44 -17.59 3.67
N LEU A 42 14.14 -17.09 2.46
CA LEU A 42 13.21 -16.01 2.15
C LEU A 42 11.84 -16.59 1.89
N CYS A 43 11.31 -17.27 2.93
CA CYS A 43 10.03 -17.95 2.93
C CYS A 43 9.49 -18.08 4.35
N GLY A 44 8.17 -18.17 4.46
CA GLY A 44 7.50 -18.33 5.73
C GLY A 44 6.13 -18.98 5.58
N GLN A 45 5.55 -19.44 6.70
CA GLN A 45 4.22 -20.04 6.70
C GLN A 45 3.11 -18.98 6.57
N ASP A 46 1.93 -19.40 6.06
CA ASP A 46 0.75 -18.55 5.95
C ASP A 46 0.00 -18.72 7.27
N LEU A 47 0.24 -17.81 8.23
CA LEU A 47 -0.29 -17.84 9.60
C LEU A 47 -1.78 -18.17 9.71
N ASN A 48 -2.62 -17.65 8.78
CA ASN A 48 -4.07 -17.86 8.79
C ASN A 48 -4.49 -19.21 8.18
N LYS A 49 -3.52 -20.12 7.96
CA LYS A 49 -3.78 -21.44 7.37
C LYS A 49 -3.21 -22.57 8.21
N THR A 50 -3.95 -23.70 8.26
CA THR A 50 -3.55 -24.91 9.00
C THR A 50 -2.29 -25.55 8.39
N SER A 51 -2.06 -25.32 7.07
CA SER A 51 -0.89 -25.81 6.34
C SER A 51 0.38 -25.16 6.88
N ARG A 52 1.36 -25.98 7.26
CA ARG A 52 2.63 -25.52 7.81
C ARG A 52 3.73 -25.40 6.73
N GLN A 53 3.35 -25.39 5.44
CA GLN A 53 4.31 -25.29 4.34
C GLN A 53 4.85 -23.85 4.18
N GLN A 54 6.16 -23.74 3.90
CA GLN A 54 6.86 -22.48 3.70
C GLN A 54 6.52 -21.93 2.31
N ILE A 55 6.07 -20.70 2.29
CA ILE A 55 5.67 -19.99 1.08
C ILE A 55 6.73 -18.91 0.80
N PRO A 56 7.30 -18.80 -0.44
CA PRO A 56 8.33 -17.78 -0.72
C PRO A 56 7.83 -16.36 -0.45
N GLU A 57 8.70 -15.58 0.20
CA GLU A 57 8.46 -14.22 0.63
C GLU A 57 9.04 -13.22 -0.40
N SER A 58 8.75 -11.90 -0.22
CA SER A 58 9.27 -10.76 -0.98
C SER A 58 9.21 -10.94 -2.51
N GLN A 59 8.07 -11.45 -3.05
CA GLN A 59 7.98 -11.63 -4.50
C GLN A 59 7.76 -10.31 -5.24
N GLY A 60 7.51 -9.23 -4.47
CA GLY A 60 7.39 -7.87 -4.98
C GLY A 60 8.67 -7.41 -5.65
N VAL A 61 9.82 -8.08 -5.31
CA VAL A 61 11.13 -7.81 -5.88
C VAL A 61 11.19 -8.27 -7.35
N ILE A 62 10.49 -9.37 -7.69
CA ILE A 62 10.47 -9.91 -9.05
C ILE A 62 9.55 -9.07 -9.92
N SER A 63 8.32 -8.74 -9.44
CA SER A 63 7.41 -7.87 -10.20
C SER A 63 8.01 -6.44 -10.30
N GLY A 64 8.64 -5.97 -9.23
CA GLY A 64 9.33 -4.70 -9.19
C GLY A 64 10.50 -4.66 -10.17
N ALA A 65 11.25 -5.77 -10.30
CA ALA A 65 12.36 -5.89 -11.24
C ALA A 65 11.85 -5.88 -12.67
N VAL A 66 10.78 -6.68 -12.95
CA VAL A 66 10.14 -6.78 -14.27
C VAL A 66 9.69 -5.37 -14.69
N PHE A 67 9.05 -4.62 -13.74
CA PHE A 67 8.58 -3.24 -13.90
C PHE A 67 9.72 -2.33 -14.38
N LEU A 68 10.88 -2.38 -13.70
CA LEU A 68 12.06 -1.58 -14.05
C LEU A 68 12.54 -1.89 -15.46
N ILE A 69 12.76 -3.18 -15.80
CA ILE A 69 13.22 -3.61 -17.13
C ILE A 69 12.21 -3.13 -18.23
N ILE A 70 10.89 -3.30 -18.00
CA ILE A 70 9.83 -2.85 -18.92
C ILE A 70 10.03 -1.35 -19.23
N LEU A 71 10.13 -0.53 -18.17
CA LEU A 71 10.27 0.92 -18.28
C LEU A 71 11.61 1.36 -18.84
N PHE A 72 12.70 0.62 -18.55
CA PHE A 72 14.04 0.90 -19.08
C PHE A 72 14.05 0.79 -20.61
N CYS A 73 13.30 -0.19 -21.14
CA CYS A 73 13.10 -0.45 -22.56
C CYS A 73 12.20 0.63 -23.16
N PHE A 74 11.25 1.13 -22.36
CA PHE A 74 10.27 2.12 -22.78
C PHE A 74 10.88 3.53 -22.92
N ILE A 75 11.79 3.94 -22.02
CA ILE A 75 12.50 5.23 -21.93
C ILE A 75 12.63 5.98 -23.31
N PRO A 76 13.17 5.41 -24.43
CA PRO A 76 13.33 6.22 -25.65
C PRO A 76 12.03 6.56 -26.39
N PHE A 77 11.00 5.68 -26.31
CA PHE A 77 9.73 5.80 -27.05
C PHE A 77 8.97 7.13 -26.80
N PRO A 78 8.75 7.67 -25.56
CA PRO A 78 8.04 8.97 -25.45
C PRO A 78 8.76 10.10 -26.19
N PHE A 79 10.11 10.13 -26.14
CA PHE A 79 10.94 11.12 -26.82
C PHE A 79 10.96 10.88 -28.35
N LEU A 80 11.25 9.63 -28.77
CA LEU A 80 11.31 9.20 -30.17
C LEU A 80 9.90 8.94 -30.70
N PRO A 92 12.90 19.15 -24.89
CA PRO A 92 12.11 17.92 -24.65
C PRO A 92 12.57 17.16 -23.41
N HIS A 93 13.78 17.47 -22.88
CA HIS A 93 14.41 16.83 -21.73
C HIS A 93 13.67 17.07 -20.40
N HIS A 94 12.84 18.15 -20.31
CA HIS A 94 12.10 18.50 -19.09
C HIS A 94 11.17 17.35 -18.63
N GLU A 95 10.52 16.65 -19.58
CA GLU A 95 9.64 15.52 -19.30
C GLU A 95 10.44 14.22 -19.17
N PHE A 96 11.65 14.19 -19.75
CA PHE A 96 12.58 13.06 -19.72
C PHE A 96 13.30 12.96 -18.35
N VAL A 97 13.64 14.13 -17.76
CA VAL A 97 14.30 14.28 -16.45
C VAL A 97 13.38 13.67 -15.38
N ALA A 98 12.07 13.94 -15.47
CA ALA A 98 11.07 13.42 -14.55
C ALA A 98 10.90 11.91 -14.74
N LEU A 99 11.06 11.40 -15.99
CA LEU A 99 10.93 9.97 -16.29
C LEU A 99 12.08 9.14 -15.69
N ILE A 100 13.33 9.62 -15.87
CA ILE A 100 14.55 8.99 -15.35
C ILE A 100 14.62 9.22 -13.81
N GLY A 101 14.24 10.42 -13.37
CA GLY A 101 14.15 10.81 -11.96
C GLY A 101 13.17 9.97 -11.17
N ALA A 102 11.95 9.76 -11.74
CA ALA A 102 10.92 8.94 -11.11
C ALA A 102 11.35 7.47 -11.07
N LEU A 103 12.04 7.00 -12.12
CA LEU A 103 12.55 5.63 -12.18
C LEU A 103 13.65 5.42 -11.15
N LEU A 104 14.48 6.44 -10.90
CA LEU A 104 15.55 6.38 -9.92
C LEU A 104 14.96 6.24 -8.51
N ALA A 105 13.96 7.09 -8.18
CA ALA A 105 13.26 7.06 -6.90
C ALA A 105 12.57 5.73 -6.65
N ILE A 106 11.88 5.16 -7.66
CA ILE A 106 11.16 3.88 -7.56
C ILE A 106 12.20 2.75 -7.41
N CYS A 107 13.24 2.71 -8.27
CA CYS A 107 14.30 1.69 -8.26
C CYS A 107 14.99 1.64 -6.91
N CYS A 108 15.35 2.81 -6.37
CA CYS A 108 16.00 2.95 -5.07
C CYS A 108 15.12 2.37 -3.97
N MET A 109 13.80 2.60 -4.09
CA MET A 109 12.81 2.13 -3.14
C MET A 109 12.63 0.62 -3.22
N ILE A 110 12.64 0.02 -4.43
CA ILE A 110 12.54 -1.45 -4.60
C ILE A 110 13.76 -2.08 -3.95
N PHE A 111 14.93 -1.43 -4.13
CA PHE A 111 16.22 -1.84 -3.57
C PHE A 111 16.20 -1.78 -2.05
N LEU A 112 16.00 -0.57 -1.47
CA LEU A 112 16.03 -0.36 -0.01
C LEU A 112 14.91 -1.12 0.67
N GLY A 113 13.84 -1.37 -0.07
CA GLY A 113 12.68 -2.14 0.38
C GLY A 113 13.04 -3.58 0.61
N PHE A 114 13.68 -4.23 -0.41
CA PHE A 114 14.16 -5.62 -0.43
C PHE A 114 15.28 -5.81 0.59
N ALA A 115 16.14 -4.80 0.77
CA ALA A 115 17.20 -4.82 1.77
C ALA A 115 16.58 -4.87 3.15
N ASP A 116 15.49 -4.11 3.39
CA ASP A 116 14.76 -4.10 4.65
C ASP A 116 14.03 -5.43 4.86
N ASP A 117 13.60 -6.09 3.78
CA ASP A 117 12.94 -7.38 3.86
C ASP A 117 13.94 -8.43 4.35
N VAL A 118 15.11 -8.50 3.68
CA VAL A 118 16.20 -9.42 3.92
C VAL A 118 16.86 -9.17 5.31
N LEU A 119 17.04 -7.90 5.72
CA LEU A 119 17.78 -7.56 6.94
C LEU A 119 16.92 -7.23 8.16
N ASN A 120 15.63 -6.89 7.97
CA ASN A 120 14.68 -6.52 9.04
C ASN A 120 15.28 -5.41 9.91
N LEU A 121 15.35 -4.21 9.32
CA LEU A 121 15.91 -3.03 9.98
C LEU A 121 14.97 -2.49 11.06
N ARG A 122 15.49 -1.68 12.00
CA ARG A 122 14.71 -1.07 13.09
C ARG A 122 13.65 -0.12 12.51
N TRP A 123 12.44 -0.07 13.12
CA TRP A 123 11.28 0.74 12.69
C TRP A 123 11.65 2.22 12.43
N ARG A 124 12.67 2.74 13.12
CA ARG A 124 13.14 4.11 12.96
C ARG A 124 13.89 4.27 11.64
N HIS A 125 14.73 3.26 11.29
CA HIS A 125 15.49 3.23 10.04
C HIS A 125 14.57 2.93 8.85
N LYS A 126 13.49 2.17 9.08
CA LYS A 126 12.49 1.82 8.08
C LYS A 126 11.77 3.07 7.57
N LEU A 127 11.48 4.05 8.45
CA LEU A 127 10.77 5.32 8.12
C LEU A 127 11.67 6.31 7.35
N LEU A 128 13.00 6.16 7.45
CA LEU A 128 14.00 7.00 6.79
C LEU A 128 14.22 6.55 5.35
N LEU A 129 14.09 5.23 5.09
CA LEU A 129 14.28 4.62 3.76
C LEU A 129 13.37 5.31 2.69
N PRO A 130 12.02 5.46 2.87
CA PRO A 130 11.23 6.12 1.82
C PRO A 130 11.65 7.56 1.55
N THR A 131 12.02 8.34 2.60
CA THR A 131 12.45 9.74 2.46
C THR A 131 13.80 9.80 1.73
N ALA A 132 14.62 8.75 1.89
CA ALA A 132 15.91 8.60 1.24
C ALA A 132 15.72 8.41 -0.27
N ALA A 133 14.86 7.44 -0.66
CA ALA A 133 14.54 7.11 -2.05
C ALA A 133 13.73 8.21 -2.74
N SER A 134 12.93 9.02 -2.01
CA SER A 134 12.09 10.07 -2.62
C SER A 134 12.86 11.31 -3.00
N LEU A 135 14.12 11.42 -2.54
CA LEU A 135 14.99 12.57 -2.80
C LEU A 135 15.13 12.94 -4.31
N PRO A 136 15.32 11.99 -5.29
CA PRO A 136 15.41 12.42 -6.71
C PRO A 136 14.16 13.15 -7.21
N LEU A 137 12.94 12.79 -6.73
CA LEU A 137 11.68 13.45 -7.11
C LEU A 137 11.69 14.91 -6.65
N LEU A 138 12.13 15.14 -5.40
CA LEU A 138 12.25 16.43 -4.75
C LEU A 138 13.24 17.32 -5.55
N MET A 139 14.38 16.73 -5.97
CA MET A 139 15.42 17.40 -6.74
C MET A 139 14.95 17.72 -8.17
N VAL A 140 14.15 16.82 -8.80
CA VAL A 140 13.57 17.01 -10.13
C VAL A 140 12.55 18.15 -10.05
N TYR A 141 11.72 18.14 -8.99
CA TYR A 141 10.72 19.19 -8.73
C TYR A 141 11.39 20.54 -8.49
N PHE A 142 12.63 20.51 -7.97
CA PHE A 142 13.45 21.69 -7.71
C PHE A 142 14.03 22.24 -9.03
N THR A 143 14.73 21.37 -9.81
CA THR A 143 15.37 21.74 -11.08
C THR A 143 14.35 22.11 -12.16
N ASN A 144 13.19 21.42 -12.21
CA ASN A 144 12.14 21.69 -13.19
C ASN A 144 11.15 22.76 -12.68
N PHE A 145 11.54 23.54 -11.64
CA PHE A 145 10.81 24.65 -11.04
C PHE A 145 9.33 24.31 -10.79
N GLY A 146 9.09 23.51 -9.76
CA GLY A 146 7.76 23.07 -9.38
C GLY A 146 7.05 24.04 -8.47
N ASN A 147 5.73 24.19 -8.67
CA ASN A 147 4.86 25.10 -7.92
C ASN A 147 4.82 24.71 -6.43
N THR A 148 5.50 25.51 -5.58
CA THR A 148 5.60 25.32 -4.12
C THR A 148 4.33 25.86 -3.42
N THR A 149 3.46 26.55 -4.18
CA THR A 149 2.20 27.12 -3.70
C THR A 149 1.12 26.01 -3.64
N ILE A 150 0.15 26.18 -2.72
CA ILE A 150 -0.98 25.28 -2.50
C ILE A 150 -2.29 26.08 -2.46
N VAL A 151 -3.41 25.43 -2.81
CA VAL A 151 -4.74 26.04 -2.80
C VAL A 151 -5.57 25.45 -1.66
N VAL A 152 -6.19 26.33 -0.85
CA VAL A 152 -7.00 25.95 0.31
C VAL A 152 -8.36 25.42 -0.17
N HIS A 163 -4.76 29.95 -1.46
CA HIS A 163 -3.54 30.50 -2.04
C HIS A 163 -2.47 30.71 -0.94
N LEU A 164 -1.62 29.67 -0.71
CA LEU A 164 -0.55 29.71 0.28
C LEU A 164 0.73 29.03 -0.24
N ASP A 165 1.84 29.78 -0.28
CA ASP A 165 3.16 29.28 -0.72
C ASP A 165 3.84 28.59 0.46
N LEU A 166 3.92 27.26 0.42
CA LEU A 166 4.52 26.48 1.51
C LEU A 166 6.05 26.44 1.44
N GLY A 167 6.61 26.66 0.24
CA GLY A 167 8.05 26.69 0.01
C GLY A 167 8.79 25.45 0.47
N ILE A 168 9.47 25.54 1.63
CA ILE A 168 10.24 24.44 2.23
C ILE A 168 9.28 23.37 2.78
N LEU A 169 8.14 23.77 3.38
CA LEU A 169 7.15 22.84 3.94
C LEU A 169 6.48 21.98 2.86
N TYR A 170 6.52 22.43 1.59
CA TYR A 170 5.98 21.70 0.44
C TYR A 170 6.90 20.50 0.10
N TYR A 171 8.22 20.67 0.27
CA TYR A 171 9.21 19.62 0.02
C TYR A 171 9.18 18.58 1.14
N VAL A 172 8.78 19.01 2.36
CA VAL A 172 8.63 18.14 3.53
C VAL A 172 7.43 17.23 3.25
N TYR A 173 6.35 17.79 2.65
CA TYR A 173 5.15 17.07 2.25
C TYR A 173 5.49 15.95 1.24
N MET A 174 6.25 16.30 0.17
CA MET A 174 6.70 15.36 -0.86
C MET A 174 7.56 14.25 -0.28
N GLY A 175 8.44 14.61 0.66
CA GLY A 175 9.31 13.66 1.36
C GLY A 175 8.50 12.70 2.21
N LEU A 176 7.46 13.20 2.91
CA LEU A 176 6.61 12.39 3.78
C LEU A 176 5.49 11.65 2.99
N LEU A 177 5.26 12.01 1.71
CA LEU A 177 4.24 11.36 0.89
C LEU A 177 4.64 9.93 0.55
N ALA A 178 5.95 9.69 0.28
CA ALA A 178 6.49 8.36 -0.01
C ALA A 178 6.35 7.44 1.22
N VAL A 179 6.70 8.00 2.41
CA VAL A 179 6.65 7.35 3.72
C VAL A 179 5.22 6.95 4.03
N PHE A 180 4.26 7.84 3.73
CA PHE A 180 2.86 7.58 3.99
C PHE A 180 2.33 6.40 3.14
N CYS A 181 2.26 6.55 1.79
CA CYS A 181 1.72 5.56 0.85
C CYS A 181 2.24 4.15 1.12
N THR A 182 3.57 3.96 1.34
CA THR A 182 4.17 2.64 1.61
C THR A 182 3.57 2.02 2.89
N ASN A 183 3.71 2.71 4.03
CA ASN A 183 3.24 2.27 5.33
C ASN A 183 1.71 2.16 5.39
N ALA A 184 0.97 3.01 4.66
CA ALA A 184 -0.50 2.95 4.62
C ALA A 184 -0.93 1.63 3.99
N ILE A 185 -0.22 1.19 2.91
CA ILE A 185 -0.46 -0.11 2.24
C ILE A 185 0.01 -1.24 3.17
N ASN A 186 1.21 -1.07 3.74
CA ASN A 186 1.88 -2.02 4.63
C ASN A 186 1.12 -2.32 5.93
N ILE A 187 0.35 -1.36 6.50
CA ILE A 187 -0.36 -1.63 7.76
C ILE A 187 -1.78 -2.18 7.46
N LEU A 188 -2.26 -2.07 6.20
CA LEU A 188 -3.54 -2.64 5.76
C LEU A 188 -3.21 -3.93 4.99
N ALA A 189 -2.79 -4.95 5.74
CA ALA A 189 -2.37 -6.25 5.22
C ALA A 189 -2.63 -7.37 6.24
N GLY A 190 -2.23 -8.58 5.89
CA GLY A 190 -2.36 -9.74 6.78
C GLY A 190 -3.22 -10.86 6.27
N ILE A 191 -3.86 -10.66 5.11
CA ILE A 191 -4.70 -11.65 4.42
C ILE A 191 -4.28 -11.66 2.94
N ASN A 192 -4.31 -12.85 2.32
CA ASN A 192 -3.88 -13.09 0.94
C ASN A 192 -4.52 -12.14 -0.08
N GLY A 193 -3.69 -11.58 -0.96
CA GLY A 193 -4.10 -10.70 -2.04
C GLY A 193 -4.60 -9.32 -1.67
N LEU A 194 -4.39 -8.89 -0.42
CA LEU A 194 -4.85 -7.58 0.04
C LEU A 194 -3.95 -6.45 -0.47
N GLU A 195 -2.63 -6.51 -0.19
CA GLU A 195 -1.62 -5.50 -0.56
C GLU A 195 -1.55 -5.31 -2.08
N ALA A 196 -1.46 -6.41 -2.85
CA ALA A 196 -1.42 -6.34 -4.30
C ALA A 196 -2.79 -5.89 -4.86
N GLY A 197 -3.89 -6.42 -4.29
CA GLY A 197 -5.26 -6.10 -4.68
C GLY A 197 -5.67 -4.66 -4.48
N GLN A 198 -5.40 -4.08 -3.28
CA GLN A 198 -5.72 -2.68 -2.95
C GLN A 198 -4.94 -1.76 -3.88
N SER A 199 -3.70 -2.15 -4.25
CA SER A 199 -2.82 -1.42 -5.15
C SER A 199 -3.35 -1.46 -6.57
N LEU A 200 -4.00 -2.58 -6.97
CA LEU A 200 -4.58 -2.71 -8.30
C LEU A 200 -5.78 -1.76 -8.45
N VAL A 201 -6.62 -1.64 -7.39
CA VAL A 201 -7.79 -0.75 -7.37
C VAL A 201 -7.30 0.71 -7.44
N ILE A 202 -6.27 1.06 -6.63
CA ILE A 202 -5.68 2.40 -6.57
C ILE A 202 -5.04 2.76 -7.92
N SER A 203 -4.16 1.89 -8.47
CA SER A 203 -3.50 2.15 -9.76
C SER A 203 -4.52 2.20 -10.92
N ALA A 204 -5.56 1.34 -10.90
CA ALA A 204 -6.60 1.35 -11.94
C ALA A 204 -7.43 2.63 -11.86
N SER A 205 -7.66 3.15 -10.63
CA SER A 205 -8.38 4.40 -10.40
C SER A 205 -7.58 5.56 -10.99
N ILE A 206 -6.25 5.59 -10.74
CA ILE A 206 -5.35 6.61 -11.29
C ILE A 206 -5.34 6.49 -12.83
N ILE A 207 -5.31 5.24 -13.40
CA ILE A 207 -5.35 5.03 -14.86
C ILE A 207 -6.63 5.66 -15.43
N VAL A 208 -7.82 5.34 -14.84
CA VAL A 208 -9.13 5.86 -15.26
C VAL A 208 -9.14 7.41 -15.21
N PHE A 209 -8.67 7.98 -14.07
CA PHE A 209 -8.58 9.42 -13.82
C PHE A 209 -7.64 10.11 -14.84
N ASN A 210 -6.47 9.49 -15.14
CA ASN A 210 -5.49 9.99 -16.10
C ASN A 210 -6.08 10.10 -17.49
N LEU A 211 -6.84 9.06 -17.91
CA LEU A 211 -7.50 8.95 -19.21
C LEU A 211 -8.58 10.04 -19.38
N VAL A 212 -9.41 10.26 -18.34
CA VAL A 212 -10.49 11.25 -18.33
C VAL A 212 -9.87 12.66 -18.51
N GLU A 213 -8.78 12.94 -17.75
CA GLU A 213 -8.06 14.21 -17.72
C GLU A 213 -7.01 14.34 -18.86
N LEU A 214 -6.86 13.29 -19.70
CA LEU A 214 -5.93 13.28 -20.84
C LEU A 214 -6.47 14.09 -22.01
N GLU A 215 -7.81 14.03 -22.22
CA GLU A 215 -8.58 14.68 -23.30
C GLU A 215 -8.34 16.18 -23.45
N GLY A 216 -8.11 16.86 -22.32
CA GLY A 216 -7.84 18.29 -22.30
C GLY A 216 -7.04 18.76 -21.10
N ASP A 217 -6.76 20.08 -21.05
CA ASP A 217 -6.02 20.80 -20.01
C ASP A 217 -4.65 20.16 -19.72
N CYS A 218 -4.53 19.35 -18.64
CA CYS A 218 -3.28 18.69 -18.24
C CYS A 218 -3.13 17.34 -18.94
N ARG A 219 -2.52 17.37 -20.12
CA ARG A 219 -2.28 16.17 -20.92
C ARG A 219 -0.92 15.58 -20.56
N ASP A 220 0.10 16.45 -20.35
CA ASP A 220 1.48 16.10 -20.04
C ASP A 220 1.63 15.40 -18.67
N ASP A 221 0.92 15.92 -17.64
CA ASP A 221 0.95 15.39 -16.27
C ASP A 221 0.26 14.03 -16.12
N HIS A 222 -0.71 13.73 -17.01
CA HIS A 222 -1.47 12.49 -16.97
C HIS A 222 -0.93 11.45 -17.97
N VAL A 223 -0.22 11.89 -19.04
CA VAL A 223 0.40 10.96 -20.01
C VAL A 223 1.64 10.35 -19.30
N PHE A 224 2.29 11.17 -18.46
CA PHE A 224 3.45 10.79 -17.66
C PHE A 224 3.04 9.78 -16.60
N SER A 225 1.92 10.04 -15.90
CA SER A 225 1.41 9.16 -14.86
C SER A 225 1.00 7.81 -15.43
N LEU A 226 0.43 7.78 -16.65
CA LEU A 226 0.03 6.56 -17.33
C LEU A 226 1.24 5.66 -17.61
N TYR A 227 2.37 6.28 -18.04
CA TYR A 227 3.63 5.61 -18.39
C TYR A 227 4.14 4.70 -17.28
N PHE A 228 3.80 5.00 -16.01
CA PHE A 228 4.21 4.24 -14.84
C PHE A 228 3.09 3.36 -14.29
N MET A 229 1.83 3.86 -14.32
CA MET A 229 0.64 3.18 -13.79
C MET A 229 0.25 1.95 -14.58
N ILE A 230 0.30 1.99 -15.93
CA ILE A 230 -0.04 0.84 -16.80
C ILE A 230 0.97 -0.31 -16.49
N PRO A 231 2.33 -0.10 -16.54
CA PRO A 231 3.24 -1.20 -16.17
C PRO A 231 3.09 -1.65 -14.71
N PHE A 232 2.79 -0.74 -13.77
CA PHE A 232 2.60 -1.10 -12.37
C PHE A 232 1.38 -2.02 -12.20
N PHE A 233 0.28 -1.72 -12.91
CA PHE A 233 -0.96 -2.49 -12.86
C PHE A 233 -0.71 -3.92 -13.36
N PHE A 234 -0.14 -4.08 -14.57
CA PHE A 234 0.05 -5.40 -15.16
C PHE A 234 1.13 -6.25 -14.45
N THR A 235 2.18 -5.63 -13.86
CA THR A 235 3.17 -6.43 -13.12
C THR A 235 2.53 -6.94 -11.81
N THR A 236 1.74 -6.07 -11.13
CA THR A 236 1.04 -6.40 -9.89
C THR A 236 0.00 -7.48 -10.16
N LEU A 237 -0.65 -7.44 -11.34
CA LEU A 237 -1.63 -8.43 -11.77
C LEU A 237 -0.99 -9.83 -11.82
N GLY A 238 0.23 -9.90 -12.39
CA GLY A 238 1.03 -11.12 -12.47
C GLY A 238 1.44 -11.63 -11.11
N LEU A 239 1.66 -10.71 -10.16
CA LEU A 239 2.02 -11.03 -8.77
C LEU A 239 0.77 -11.57 -8.05
N LEU A 240 -0.36 -10.85 -8.16
CA LEU A 240 -1.64 -11.24 -7.56
C LEU A 240 -2.04 -12.62 -8.10
N TYR A 241 -1.65 -12.96 -9.35
CA TYR A 241 -1.95 -14.26 -9.93
C TYR A 241 -1.46 -15.35 -8.98
N HIS A 242 -0.29 -15.15 -8.35
CA HIS A 242 0.32 -16.10 -7.42
C HIS A 242 0.03 -15.78 -5.94
N ASN A 243 -0.28 -14.51 -5.59
CA ASN A 243 -0.56 -14.12 -4.19
C ASN A 243 -2.04 -14.33 -3.80
N TRP A 244 -2.97 -14.26 -4.78
CA TRP A 244 -4.41 -14.42 -4.53
C TRP A 244 -4.72 -15.77 -3.88
N TYR A 245 -5.75 -15.81 -3.01
CA TYR A 245 -6.17 -16.99 -2.27
C TYR A 245 -6.36 -18.21 -3.21
N PRO A 246 -5.71 -19.36 -2.93
CA PRO A 246 -4.79 -19.61 -1.82
C PRO A 246 -3.37 -19.19 -2.20
N SER A 247 -2.81 -18.23 -1.41
CA SER A 247 -1.46 -17.65 -1.57
C SER A 247 -0.42 -18.73 -1.88
N ARG A 248 0.27 -18.56 -3.03
CA ARG A 248 1.36 -19.44 -3.46
C ARG A 248 2.67 -18.80 -3.08
N VAL A 249 2.67 -17.44 -3.09
CA VAL A 249 3.79 -16.55 -2.77
C VAL A 249 3.32 -15.38 -1.90
N PHE A 250 4.28 -14.73 -1.23
CA PHE A 250 4.04 -13.53 -0.43
C PHE A 250 4.63 -12.35 -1.18
N VAL A 251 4.01 -11.17 -1.05
CA VAL A 251 4.49 -9.97 -1.75
C VAL A 251 5.67 -9.31 -0.98
N GLY A 252 5.66 -9.42 0.35
CA GLY A 252 6.67 -8.84 1.22
C GLY A 252 6.57 -7.33 1.36
N ASP A 253 7.41 -6.73 2.23
CA ASP A 253 7.42 -5.27 2.42
C ASP A 253 8.00 -4.59 1.19
N THR A 254 8.77 -5.33 0.35
CA THR A 254 9.35 -4.87 -0.92
C THR A 254 8.24 -4.33 -1.81
N PHE A 255 7.13 -5.09 -1.94
CA PHE A 255 6.01 -4.65 -2.76
C PHE A 255 5.38 -3.37 -2.20
N CYS A 256 5.15 -3.28 -0.87
CA CYS A 256 4.54 -2.10 -0.25
C CYS A 256 5.38 -0.86 -0.46
N TYR A 257 6.71 -1.02 -0.35
CA TYR A 257 7.70 0.04 -0.60
C TYR A 257 7.64 0.48 -2.06
N PHE A 258 7.62 -0.49 -2.98
CA PHE A 258 7.56 -0.31 -4.42
C PHE A 258 6.29 0.44 -4.78
N ALA A 259 5.11 -0.12 -4.42
CA ALA A 259 3.79 0.46 -4.69
C ALA A 259 3.71 1.90 -4.17
N GLY A 260 4.01 2.09 -2.90
CA GLY A 260 4.00 3.38 -2.22
C GLY A 260 4.74 4.48 -2.93
N MET A 261 5.96 4.19 -3.40
CA MET A 261 6.82 5.13 -4.14
C MET A 261 6.30 5.39 -5.56
N THR A 262 5.69 4.38 -6.22
CA THR A 262 5.19 4.56 -7.58
C THR A 262 4.00 5.52 -7.51
N PHE A 263 3.11 5.35 -6.50
CA PHE A 263 1.96 6.21 -6.29
C PHE A 263 2.41 7.61 -5.91
N ALA A 264 3.36 7.74 -4.96
CA ALA A 264 3.91 9.04 -4.56
C ALA A 264 4.62 9.72 -5.74
N GLY A 265 5.33 8.93 -6.55
CA GLY A 265 6.04 9.40 -7.72
C GLY A 265 5.15 10.05 -8.75
N VAL A 266 4.06 9.35 -9.16
CA VAL A 266 3.10 9.85 -10.16
C VAL A 266 2.28 11.04 -9.62
N GLY A 267 1.86 10.97 -8.36
CA GLY A 267 1.09 12.01 -7.70
C GLY A 267 1.85 13.33 -7.59
N ILE A 268 3.17 13.25 -7.25
CA ILE A 268 4.06 14.42 -7.08
C ILE A 268 4.38 15.06 -8.44
N LEU A 269 4.85 14.27 -9.42
CA LEU A 269 5.25 14.78 -10.74
C LEU A 269 4.04 15.02 -11.68
N GLY A 270 2.87 14.51 -11.29
CA GLY A 270 1.62 14.69 -12.03
C GLY A 270 0.75 15.76 -11.43
N HIS A 271 1.11 16.24 -10.21
CA HIS A 271 0.47 17.31 -9.44
C HIS A 271 -0.96 16.96 -8.94
N PHE A 272 -1.35 15.68 -8.99
CA PHE A 272 -2.68 15.26 -8.54
C PHE A 272 -2.61 14.48 -7.22
N SER A 273 -1.60 14.81 -6.39
CA SER A 273 -1.31 14.21 -5.08
C SER A 273 -2.52 14.24 -4.13
N LYS A 274 -3.32 15.34 -4.15
CA LYS A 274 -4.52 15.51 -3.32
C LYS A 274 -5.61 14.52 -3.75
N THR A 275 -5.89 14.46 -5.08
CA THR A 275 -6.86 13.57 -5.73
C THR A 275 -6.48 12.12 -5.48
N MET A 276 -5.16 11.83 -5.58
CA MET A 276 -4.55 10.51 -5.40
C MET A 276 -4.68 10.03 -3.95
N LEU A 277 -4.51 10.94 -2.95
CA LEU A 277 -4.62 10.61 -1.53
C LEU A 277 -6.07 10.29 -1.13
N LEU A 278 -7.04 10.65 -1.99
CA LEU A 278 -8.46 10.36 -1.76
C LEU A 278 -8.75 8.91 -2.16
N PHE A 279 -7.89 8.34 -3.03
CA PHE A 279 -7.98 6.93 -3.43
C PHE A 279 -7.43 6.05 -2.28
N PHE A 280 -6.80 6.69 -1.27
CA PHE A 280 -6.20 6.05 -0.10
C PHE A 280 -7.12 6.13 1.14
N MET A 281 -8.43 6.31 0.94
CA MET A 281 -9.42 6.41 2.01
C MET A 281 -9.47 5.16 2.95
N PRO A 282 -9.64 3.88 2.49
CA PRO A 282 -9.63 2.75 3.46
C PRO A 282 -8.31 2.63 4.24
N GLN A 283 -7.17 3.06 3.64
CA GLN A 283 -5.83 3.08 4.25
C GLN A 283 -5.73 4.17 5.32
N VAL A 284 -6.21 5.40 5.01
CA VAL A 284 -6.20 6.54 5.94
C VAL A 284 -7.00 6.17 7.21
N PHE A 285 -8.19 5.53 7.05
CA PHE A 285 -9.01 5.08 8.18
C PHE A 285 -8.27 4.01 8.99
N ASN A 286 -7.82 2.93 8.30
CA ASN A 286 -7.09 1.82 8.92
C ASN A 286 -5.87 2.30 9.70
N PHE A 287 -5.14 3.33 9.18
CA PHE A 287 -3.96 3.89 9.83
C PHE A 287 -4.33 4.56 11.16
N LEU A 288 -5.29 5.51 11.13
CA LEU A 288 -5.75 6.28 12.30
C LEU A 288 -6.43 5.38 13.33
N TYR A 289 -7.19 4.37 12.89
CA TYR A 289 -7.86 3.41 13.78
C TYR A 289 -6.80 2.52 14.46
N SER A 290 -5.66 2.28 13.78
CA SER A 290 -4.54 1.50 14.30
C SER A 290 -3.64 2.30 15.23
N LEU A 291 -3.52 3.63 14.98
CA LEU A 291 -2.67 4.60 15.69
C LEU A 291 -2.62 4.42 17.24
N PRO A 292 -3.74 4.24 18.00
CA PRO A 292 -3.61 4.06 19.46
C PRO A 292 -2.83 2.79 19.85
N GLN A 293 -2.90 1.74 19.02
CA GLN A 293 -2.18 0.49 19.25
C GLN A 293 -0.71 0.61 18.79
N LEU A 294 -0.46 1.19 17.60
CA LEU A 294 0.88 1.38 17.03
C LEU A 294 1.76 2.23 17.96
N LEU A 295 1.19 3.32 18.51
CA LEU A 295 1.87 4.24 19.43
C LEU A 295 1.94 3.67 20.87
N HIS A 296 1.33 2.48 21.09
CA HIS A 296 1.27 1.72 22.34
C HIS A 296 0.55 2.49 23.48
N ILE A 297 -0.41 3.36 23.11
CA ILE A 297 -1.25 4.10 24.06
C ILE A 297 -2.24 3.07 24.64
N ILE A 298 -2.69 2.15 23.76
CA ILE A 298 -3.53 0.99 24.04
C ILE A 298 -2.66 -0.24 23.68
N PRO A 299 -2.52 -1.24 24.58
CA PRO A 299 -1.62 -2.37 24.33
C PRO A 299 -1.80 -3.06 22.97
N CYS A 300 -0.65 -3.28 22.29
CA CYS A 300 -0.58 -3.88 20.96
C CYS A 300 0.16 -5.23 21.00
N PRO A 301 -0.48 -6.34 20.54
CA PRO A 301 0.23 -7.63 20.52
C PRO A 301 1.14 -7.74 19.29
N ARG A 302 1.86 -8.87 19.16
CA ARG A 302 2.80 -9.13 18.05
C ARG A 302 2.07 -9.11 16.69
N HIS A 303 0.96 -9.88 16.56
CA HIS A 303 0.17 -9.96 15.33
C HIS A 303 -1.29 -9.61 15.59
N ARG A 304 -1.80 -8.57 14.91
CA ARG A 304 -3.17 -8.08 15.03
C ARG A 304 -4.05 -8.59 13.85
N ILE A 305 -3.64 -9.73 13.26
CA ILE A 305 -4.35 -10.39 12.16
C ILE A 305 -5.46 -11.28 12.74
N PRO A 306 -6.56 -11.53 12.00
CA PRO A 306 -7.62 -12.40 12.54
C PRO A 306 -7.15 -13.82 12.87
N ARG A 307 -7.85 -14.48 13.81
CA ARG A 307 -7.55 -15.83 14.24
C ARG A 307 -8.47 -16.81 13.50
N LEU A 308 -7.88 -17.73 12.72
CA LEU A 308 -8.62 -18.72 11.95
C LEU A 308 -9.15 -19.82 12.86
N ASN A 309 -10.49 -20.00 12.89
CA ASN A 309 -11.10 -21.08 13.65
C ASN A 309 -11.06 -22.31 12.75
N ILE A 310 -10.23 -23.30 13.12
CA ILE A 310 -9.98 -24.54 12.37
C ILE A 310 -11.30 -25.28 12.03
N LYS A 311 -12.24 -25.35 12.99
CA LYS A 311 -13.54 -26.00 12.81
C LYS A 311 -14.46 -25.21 11.85
N THR A 312 -14.37 -23.87 11.84
CA THR A 312 -15.18 -22.98 11.00
C THR A 312 -14.64 -22.88 9.57
N GLY A 313 -13.34 -22.64 9.45
CA GLY A 313 -12.68 -22.44 8.15
C GLY A 313 -12.55 -20.95 7.85
N LYS A 314 -13.42 -20.13 8.48
CA LYS A 314 -13.48 -18.67 8.37
C LYS A 314 -12.55 -18.00 9.40
N LEU A 315 -12.36 -16.67 9.27
CA LEU A 315 -11.52 -15.88 10.16
C LEU A 315 -12.35 -15.12 11.18
N GLU A 316 -12.00 -15.29 12.46
CA GLU A 316 -12.63 -14.63 13.60
C GLU A 316 -11.77 -13.48 14.11
N MET A 317 -12.35 -12.57 14.90
CA MET A 317 -11.67 -11.41 15.47
C MET A 317 -10.50 -11.79 16.39
N SER A 318 -9.49 -10.92 16.47
CA SER A 318 -8.34 -11.09 17.35
C SER A 318 -8.44 -10.06 18.49
N TYR A 319 -7.91 -10.40 19.68
CA TYR A 319 -8.00 -9.53 20.85
C TYR A 319 -6.63 -9.29 21.52
N SER A 320 -6.52 -8.17 22.24
CA SER A 320 -5.35 -7.71 22.96
C SER A 320 -5.70 -7.52 24.45
N LYS A 321 -5.46 -8.57 25.27
CA LYS A 321 -5.74 -8.56 26.71
C LYS A 321 -4.52 -8.04 27.49
N PHE A 322 -4.77 -7.12 28.45
CA PHE A 322 -3.72 -6.52 29.28
C PHE A 322 -4.28 -6.03 30.63
N LYS A 323 -3.37 -5.70 31.57
CA LYS A 323 -3.70 -5.21 32.91
C LYS A 323 -4.28 -3.80 32.83
N THR A 324 -5.43 -3.59 33.50
CA THR A 324 -6.16 -2.33 33.53
C THR A 324 -5.41 -1.24 34.32
N LYS A 325 -4.66 -1.64 35.37
CA LYS A 325 -3.87 -0.73 36.22
C LYS A 325 -2.66 -0.15 35.48
N SER A 326 -2.04 -0.95 34.59
CA SER A 326 -0.86 -0.57 33.80
C SER A 326 -1.21 0.43 32.69
N LEU A 327 -2.49 0.47 32.28
CA LEU A 327 -3.03 1.34 31.21
C LEU A 327 -2.97 2.82 31.63
N SER A 328 -2.54 3.68 30.70
CA SER A 328 -2.40 5.13 30.88
C SER A 328 -3.77 5.84 30.88
N PHE A 329 -3.81 7.09 31.38
CA PHE A 329 -5.03 7.92 31.45
C PHE A 329 -5.53 8.26 30.05
N LEU A 330 -4.60 8.49 29.08
CA LEU A 330 -4.92 8.80 27.69
C LEU A 330 -5.46 7.55 26.98
N GLY A 331 -4.88 6.38 27.29
CA GLY A 331 -5.29 5.08 26.75
C GLY A 331 -6.69 4.67 27.18
N THR A 332 -7.04 4.96 28.46
CA THR A 332 -8.35 4.67 29.05
C THR A 332 -9.43 5.56 28.44
N PHE A 333 -9.04 6.78 28.00
CA PHE A 333 -9.91 7.76 27.37
C PHE A 333 -10.25 7.32 25.95
N ILE A 334 -9.22 7.08 25.09
CA ILE A 334 -9.33 6.68 23.68
C ILE A 334 -10.16 5.38 23.55
N LEU A 335 -9.87 4.36 24.40
CA LEU A 335 -10.57 3.07 24.39
C LEU A 335 -12.06 3.21 24.79
N LYS A 336 -12.40 4.19 25.65
CA LYS A 336 -13.77 4.46 26.08
C LYS A 336 -14.56 5.25 25.04
N VAL A 337 -13.87 6.16 24.31
CA VAL A 337 -14.46 6.98 23.25
C VAL A 337 -14.74 6.08 22.01
N ALA A 338 -13.79 5.17 21.68
CA ALA A 338 -13.89 4.22 20.57
C ALA A 338 -14.97 3.15 20.82
N GLU A 339 -15.25 2.85 22.10
CA GLU A 339 -16.30 1.91 22.52
C GLU A 339 -17.67 2.58 22.38
N SER A 340 -17.75 3.88 22.78
CA SER A 340 -18.95 4.71 22.69
C SER A 340 -19.31 5.03 21.23
N LEU A 341 -18.30 5.01 20.34
CA LEU A 341 -18.45 5.25 18.90
C LEU A 341 -18.87 3.96 18.15
N GLN A 342 -18.96 2.82 18.91
CA GLN A 342 -19.33 1.47 18.46
C GLN A 342 -18.30 0.98 17.40
N LEU A 343 -17.00 1.04 17.77
CA LEU A 343 -15.88 0.63 16.91
C LEU A 343 -15.05 -0.48 17.56
N VAL A 344 -14.90 -0.47 18.90
CA VAL A 344 -14.07 -1.46 19.61
C VAL A 344 -14.92 -2.25 20.62
N THR A 345 -14.75 -3.58 20.63
CA THR A 345 -15.42 -4.51 21.54
C THR A 345 -14.51 -4.68 22.78
N VAL A 346 -14.99 -4.25 23.95
CA VAL A 346 -14.26 -4.32 25.22
C VAL A 346 -14.87 -5.41 26.10
N HIS A 347 -14.03 -6.37 26.57
CA HIS A 347 -14.45 -7.47 27.44
C HIS A 347 -13.68 -7.45 28.76
N GLN A 348 -14.38 -7.10 29.86
CA GLN A 348 -13.81 -7.01 31.21
C GLN A 348 -13.81 -8.38 31.91
N SER A 349 -12.71 -8.67 32.64
CA SER A 349 -12.51 -9.92 33.37
C SER A 349 -11.66 -9.72 34.64
N GLU A 350 -11.78 -10.64 35.61
CA GLU A 350 -11.04 -10.61 36.88
C GLU A 350 -10.54 -12.02 37.24
N THR A 351 -9.20 -12.17 37.38
CA THR A 351 -8.54 -13.44 37.71
C THR A 351 -7.82 -13.34 39.07
N GLU A 352 -7.11 -14.42 39.47
CA GLU A 352 -6.34 -14.51 40.72
C GLU A 352 -5.14 -13.56 40.66
N ASP A 353 -4.57 -13.34 39.46
CA ASP A 353 -3.43 -12.45 39.23
C ASP A 353 -3.89 -10.98 39.34
N GLY A 354 -5.14 -10.72 38.98
CA GLY A 354 -5.75 -9.39 39.03
C GLY A 354 -6.82 -9.19 37.96
N GLU A 355 -7.25 -7.92 37.76
CA GLU A 355 -8.25 -7.56 36.78
C GLU A 355 -7.59 -7.18 35.43
N PHE A 356 -8.07 -7.79 34.34
CA PHE A 356 -7.55 -7.58 32.99
C PHE A 356 -8.67 -7.16 32.01
N THR A 357 -8.30 -6.34 31.01
CA THR A 357 -9.23 -5.84 29.98
C THR A 357 -8.85 -6.43 28.61
N GLU A 358 -9.80 -7.15 27.98
CA GLU A 358 -9.61 -7.78 26.67
C GLU A 358 -10.21 -6.87 25.59
N CYS A 359 -9.35 -6.01 25.01
CA CYS A 359 -9.68 -5.04 23.98
C CYS A 359 -9.56 -5.66 22.58
N ASN A 360 -10.46 -5.27 21.67
CA ASN A 360 -10.47 -5.74 20.28
C ASN A 360 -9.30 -5.13 19.50
N ASN A 361 -8.63 -5.92 18.65
CA ASN A 361 -7.51 -5.45 17.83
C ASN A 361 -8.01 -4.42 16.82
N MET A 362 -7.46 -3.20 16.92
CA MET A 362 -7.89 -2.05 16.13
C MET A 362 -7.24 -1.99 14.75
N THR A 363 -7.97 -2.48 13.74
CA THR A 363 -7.64 -2.50 12.31
C THR A 363 -8.95 -2.68 11.52
N LEU A 364 -8.98 -2.22 10.26
CA LEU A 364 -10.16 -2.29 9.40
C LEU A 364 -10.62 -3.75 9.17
N ILE A 365 -9.68 -4.72 9.11
CA ILE A 365 -9.95 -6.15 8.92
C ILE A 365 -10.79 -6.68 10.11
N ASN A 366 -10.33 -6.44 11.36
CA ASN A 366 -11.00 -6.86 12.59
C ASN A 366 -12.31 -6.10 12.82
N LEU A 367 -12.41 -4.84 12.35
CA LEU A 367 -13.62 -4.03 12.45
C LEU A 367 -14.71 -4.62 11.55
N LEU A 368 -14.31 -5.15 10.36
CA LEU A 368 -15.23 -5.77 9.42
C LEU A 368 -15.78 -7.09 9.98
N LEU A 369 -14.97 -7.79 10.80
CA LEU A 369 -15.39 -9.02 11.46
C LEU A 369 -16.26 -8.70 12.69
N LYS A 370 -16.15 -7.46 13.23
CA LYS A 370 -16.98 -7.02 14.35
C LYS A 370 -18.40 -6.73 13.86
N VAL A 371 -18.48 -6.11 12.67
CA VAL A 371 -19.72 -5.69 12.01
C VAL A 371 -20.38 -6.86 11.26
N LEU A 372 -19.61 -7.66 10.50
CA LEU A 372 -20.20 -8.73 9.68
C LEU A 372 -19.94 -10.17 10.19
N GLY A 373 -19.38 -10.31 11.39
CA GLY A 373 -19.10 -11.62 11.98
C GLY A 373 -17.94 -12.34 11.30
N PRO A 374 -17.70 -13.65 11.58
CA PRO A 374 -16.58 -14.35 10.93
C PRO A 374 -16.74 -14.48 9.41
N ILE A 375 -15.68 -14.11 8.67
CA ILE A 375 -15.65 -14.13 7.20
C ILE A 375 -14.45 -14.97 6.73
N HIS A 376 -14.60 -15.75 5.64
CA HIS A 376 -13.52 -16.53 5.04
C HIS A 376 -12.49 -15.57 4.43
N GLU A 377 -11.20 -15.97 4.38
CA GLU A 377 -10.09 -15.15 3.89
C GLU A 377 -10.32 -14.62 2.46
N ARG A 378 -10.76 -15.49 1.51
CA ARG A 378 -10.99 -15.11 0.11
C ARG A 378 -12.11 -14.07 -0.03
N ASN A 379 -13.15 -14.16 0.83
CA ASN A 379 -14.27 -13.22 0.83
C ASN A 379 -13.92 -11.93 1.59
N LEU A 380 -13.10 -12.03 2.67
CA LEU A 380 -12.69 -10.90 3.50
C LEU A 380 -11.85 -9.92 2.70
N THR A 381 -10.86 -10.41 1.91
CA THR A 381 -10.01 -9.58 1.05
C THR A 381 -10.87 -8.89 -0.01
N LEU A 382 -11.68 -9.69 -0.75
CA LEU A 382 -12.59 -9.27 -1.82
C LEU A 382 -13.50 -8.15 -1.34
N LEU A 383 -13.95 -8.23 -0.06
CA LEU A 383 -14.80 -7.26 0.62
C LEU A 383 -14.06 -5.93 0.82
N LEU A 384 -12.77 -6.00 1.19
CA LEU A 384 -11.93 -4.82 1.37
C LEU A 384 -11.58 -4.21 0.01
N LEU A 385 -11.49 -5.07 -1.05
CA LEU A 385 -11.22 -4.63 -2.42
C LEU A 385 -12.42 -3.88 -2.96
N LEU A 386 -13.63 -4.37 -2.63
CA LEU A 386 -14.90 -3.77 -3.00
C LEU A 386 -15.04 -2.43 -2.28
N LEU A 387 -14.61 -2.39 -0.99
CA LEU A 387 -14.60 -1.22 -0.11
C LEU A 387 -13.67 -0.16 -0.69
N GLN A 388 -12.54 -0.62 -1.30
CA GLN A 388 -11.54 0.21 -1.98
C GLN A 388 -12.16 0.79 -3.26
N ILE A 389 -12.97 -0.02 -4.01
CA ILE A 389 -13.68 0.39 -5.22
C ILE A 389 -14.69 1.48 -4.84
N LEU A 390 -15.48 1.26 -3.75
CA LEU A 390 -16.50 2.18 -3.26
C LEU A 390 -15.93 3.58 -2.98
N GLY A 391 -14.76 3.63 -2.33
CA GLY A 391 -14.07 4.88 -2.01
C GLY A 391 -13.60 5.62 -3.24
N SER A 392 -13.14 4.86 -4.27
CA SER A 392 -12.68 5.42 -5.54
C SER A 392 -13.85 6.04 -6.27
N ALA A 393 -15.02 5.35 -6.27
CA ALA A 393 -16.26 5.84 -6.85
C ALA A 393 -16.68 7.14 -6.15
N ILE A 394 -16.58 7.18 -4.80
CA ILE A 394 -16.88 8.35 -3.96
C ILE A 394 -15.98 9.53 -4.39
N THR A 395 -14.66 9.30 -4.53
CA THR A 395 -13.67 10.30 -4.98
C THR A 395 -14.07 10.85 -6.36
N PHE A 396 -14.35 9.95 -7.33
CA PHE A 396 -14.74 10.29 -8.70
C PHE A 396 -16.06 11.06 -8.73
N SER A 397 -17.05 10.68 -7.89
CA SER A 397 -18.36 11.32 -7.80
C SER A 397 -18.24 12.75 -7.27
N ILE A 398 -17.31 12.98 -6.33
CA ILE A 398 -17.01 14.30 -5.74
C ILE A 398 -16.39 15.20 -6.82
N ARG A 399 -15.33 14.69 -7.48
CA ARG A 399 -14.54 15.39 -8.49
C ARG A 399 -15.29 15.70 -9.81
N TYR A 400 -16.34 14.93 -10.17
CA TYR A 400 -17.00 15.13 -11.46
C TYR A 400 -18.52 15.40 -11.39
N GLN A 401 -19.06 15.65 -10.17
CA GLN A 401 -20.49 15.93 -9.90
C GLN A 401 -21.35 14.75 -10.37
N LEU A 402 -21.34 13.64 -9.59
CA LEU A 402 -22.06 12.40 -9.90
C LEU A 402 -22.92 11.92 -8.70
N VAL A 403 -23.03 12.78 -7.66
CA VAL A 403 -23.80 12.52 -6.43
C VAL A 403 -25.30 12.38 -6.79
N ARG A 404 -25.80 13.23 -7.71
CA ARG A 404 -27.19 13.21 -8.17
C ARG A 404 -27.35 12.31 -9.40
O12 UNL B . -12.22 -16.87 -8.62
P UNL B . -11.05 -16.54 -7.78
O14 UNL B . -11.21 -16.40 -6.31
O13 UNL B . -9.91 -17.62 -8.10
O11 UNL B . -10.33 -15.24 -8.41
C1 UNL B . -11.10 -14.10 -8.85
C2 UNL B . -10.67 -12.89 -8.06
O21 UNL B . -10.36 -11.81 -8.99
C21 UNL B . -9.32 -11.01 -8.75
O22 UNL B . -8.57 -11.13 -7.80
C22 UNL B . -9.19 -9.94 -9.79
C23 UNL B . -9.66 -8.58 -9.25
C24 UNL B . -9.20 -7.43 -10.11
C25 UNL B . -9.73 -6.10 -9.65
C26 UNL B . -9.32 -4.95 -10.55
C27 UNL B . -10.36 -3.84 -10.63
C28 UNL B . -10.00 -2.73 -11.60
C29 UNL B . -11.20 -2.00 -12.17
C2A UNL B . -11.18 -0.49 -11.97
C2B UNL B . -11.71 0.01 -10.62
C2C UNL B . -11.85 1.51 -10.53
C2D UNL B . -12.55 1.97 -9.26
#